data_3WMB
#
_entry.id   3WMB
#
_cell.length_a   107.773
_cell.length_b   107.773
_cell.length_c   175.346
_cell.angle_alpha   90.00
_cell.angle_beta   90.00
_cell.angle_gamma   120.00
#
_symmetry.space_group_name_H-M   'P 32 2 1'
#
loop_
_entity.id
_entity.type
_entity.pdbx_description
1 polymer Beta-hexosaminidase
2 non-polymer 2-(2-{[(5-methyl-1,3,4-thiadiazol-2-yl)methyl]amino}ethyl)-1H-benzo[de]isoquinoline-1,3(2H)-dione
3 non-polymer 2-acetamido-2-deoxy-beta-D-glucopyranose
4 water water
#
_entity_poly.entity_id   1
_entity_poly.type   'polypeptide(L)'
_entity_poly.pdbx_seq_one_letter_code
;EDVVWRWSCDNGKCVKLKNDPRSSEPALSLEACKMFCNEYGLLWPRPTGEADLGNFLSKINLNSIEVKILKKGATDDLME
AAAKRFKEQVSLAIPRGSTPKLTGKAVDVYLVNENPNEKAFSLEMDESYGLRVSPSGADRVNATITANSFFGMRHGLETL
SQLFVFDDIRDHLLMVRDVNISDKPVYPYRGILLDTARNYYSIESIKRTIEAMAAVKLNTLHWHITDSQSFPFVTTKRPN
LYKFGALSPQKVYTKAAIREVVRFGLERGVRVLPEFDAPAHVGEGWQDTDLTVCFKAEPWKSYCVEPPCGQLNPTKDELY
QYLEDIYSDMAEVFDTTDIFHMGGDEVSEACWNSSDSIQNFMMQNRWDLDKESFLKLWNYFQQKAQDKAYKAFGKKLPLI
LWTSTLTNYKHIDDYLNKDDYIIQVWTTGVDPQIKGLLEKGYRLIMSNYDALYFDCGYGAWVGAGNNWCSPYIGWQKVYD
NSPAVIALEHRDQVLGGEAALWSEQSDTSTLDGRLWPRAAALAERLWAEPATSWQDAEYRMLHIRERFVRMGIQAESLQP
EWCYQNEGYCYS
;
_entity_poly.pdbx_strand_id   A
#
loop_
_chem_comp.id
_chem_comp.type
_chem_comp.name
_chem_comp.formula
NAG D-saccharide, beta linking 2-acetamido-2-deoxy-beta-D-glucopyranose 'C8 H15 N O6'
NF1 non-polymer 2-(2-{[(5-methyl-1,3,4-thiadiazol-2-yl)methyl]amino}ethyl)-1H-benzo[de]isoquinoline-1,3(2H)-dione 'C18 H16 N4 O2 S'
#
# COMPACT_ATOMS: atom_id res chain seq x y z
N GLU A 1 -1.35 -33.54 -20.45
CA GLU A 1 -2.62 -34.22 -20.64
C GLU A 1 -3.80 -33.32 -20.32
N ASP A 2 -4.88 -33.88 -19.75
CA ASP A 2 -6.05 -33.09 -19.39
C ASP A 2 -6.54 -33.38 -17.95
N VAL A 3 -7.09 -32.36 -17.30
CA VAL A 3 -7.61 -32.45 -15.93
C VAL A 3 -8.52 -33.67 -15.72
N VAL A 4 -8.29 -34.40 -14.63
CA VAL A 4 -8.98 -35.67 -14.39
C VAL A 4 -9.99 -35.58 -13.22
N TRP A 5 -10.03 -34.45 -12.52
CA TRP A 5 -10.93 -34.31 -11.38
C TRP A 5 -12.07 -33.34 -11.66
N ARG A 6 -13.05 -33.28 -10.77
CA ARG A 6 -14.09 -32.25 -10.81
C ARG A 6 -14.41 -31.81 -9.39
N TRP A 7 -15.18 -30.73 -9.27
CA TRP A 7 -15.51 -30.21 -7.94
C TRP A 7 -17.01 -29.99 -7.74
N SER A 8 -17.46 -30.18 -6.51
CA SER A 8 -18.86 -30.05 -6.17
C SER A 8 -19.03 -29.36 -4.82
N CYS A 9 -19.91 -28.36 -4.76
CA CYS A 9 -20.13 -27.62 -3.53
C CYS A 9 -20.93 -28.43 -2.50
N ASP A 10 -20.50 -28.34 -1.25
CA ASP A 10 -21.06 -29.11 -0.15
C ASP A 10 -20.76 -28.36 1.14
N ASN A 11 -21.77 -27.76 1.75
CA ASN A 11 -21.62 -26.97 2.98
C ASN A 11 -20.55 -25.87 2.88
N GLY A 12 -20.53 -25.16 1.76
CA GLY A 12 -19.62 -24.05 1.58
C GLY A 12 -18.21 -24.44 1.20
N LYS A 13 -17.99 -25.74 0.94
CA LYS A 13 -16.67 -26.23 0.57
C LYS A 13 -16.68 -26.97 -0.78
N CYS A 14 -15.73 -26.65 -1.66
CA CYS A 14 -15.60 -27.39 -2.91
C CYS A 14 -14.83 -28.70 -2.69
N VAL A 15 -15.55 -29.82 -2.73
CA VAL A 15 -14.93 -31.14 -2.54
C VAL A 15 -14.48 -31.72 -3.86
N LYS A 16 -13.30 -32.35 -3.87
CA LYS A 16 -12.77 -32.96 -5.07
C LYS A 16 -13.35 -34.36 -5.28
N LEU A 17 -13.97 -34.57 -6.43
CA LEU A 17 -14.55 -35.86 -6.78
C LEU A 17 -14.01 -36.29 -8.15
N LYS A 18 -13.98 -37.60 -8.41
CA LYS A 18 -13.53 -38.09 -9.70
C LYS A 18 -14.52 -37.69 -10.79
N ASN A 19 -14.01 -37.26 -11.95
CA ASN A 19 -14.87 -36.96 -13.09
C ASN A 19 -15.20 -38.22 -13.89
N ASP A 20 -16.09 -39.04 -13.33
CA ASP A 20 -16.56 -40.30 -13.94
C ASP A 20 -17.31 -40.03 -15.24
N PRO A 21 -16.88 -40.67 -16.35
CA PRO A 21 -17.53 -40.50 -17.66
C PRO A 21 -19.00 -40.92 -17.70
N ARG A 22 -19.41 -41.80 -16.78
CA ARG A 22 -20.80 -42.24 -16.74
C ARG A 22 -21.63 -41.35 -15.82
N SER A 23 -21.80 -40.10 -16.25
CA SER A 23 -22.55 -39.12 -15.50
C SER A 23 -23.25 -38.16 -16.46
N SER A 24 -24.46 -37.75 -16.11
CA SER A 24 -25.22 -36.80 -16.91
C SER A 24 -25.12 -35.39 -16.33
N GLU A 25 -24.37 -35.27 -15.24
CA GLU A 25 -24.17 -33.98 -14.61
C GLU A 25 -22.90 -33.30 -15.14
N PRO A 26 -23.01 -32.05 -15.59
CA PRO A 26 -21.84 -31.32 -16.10
C PRO A 26 -20.81 -31.06 -15.01
N ALA A 27 -19.57 -31.48 -15.25
CA ALA A 27 -18.50 -31.30 -14.28
C ALA A 27 -18.14 -29.84 -14.05
N LEU A 28 -17.82 -29.51 -12.80
CA LEU A 28 -17.33 -28.17 -12.46
C LEU A 28 -15.81 -28.15 -12.29
N SER A 29 -15.17 -27.15 -12.89
CA SER A 29 -13.76 -26.89 -12.63
C SER A 29 -13.61 -26.31 -11.23
N LEU A 30 -12.40 -26.37 -10.68
CA LEU A 30 -12.14 -25.91 -9.32
C LEU A 30 -12.62 -24.47 -9.03
N GLU A 31 -12.22 -23.51 -9.87
CA GLU A 31 -12.61 -22.12 -9.67
C GLU A 31 -14.06 -21.80 -10.06
N ALA A 32 -14.63 -22.56 -10.98
CA ALA A 32 -16.06 -22.43 -11.28
C ALA A 32 -16.87 -22.84 -10.07
N CYS A 33 -16.45 -23.92 -9.43
CA CYS A 33 -17.10 -24.35 -8.20
C CYS A 33 -16.92 -23.28 -7.12
N LYS A 34 -15.71 -22.72 -7.03
CA LYS A 34 -15.39 -21.72 -6.00
C LYS A 34 -16.21 -20.42 -6.11
N MET A 35 -16.41 -19.96 -7.33
CA MET A 35 -17.13 -18.72 -7.60
C MET A 35 -18.54 -18.70 -6.96
N PHE A 36 -19.17 -19.87 -6.83
CA PHE A 36 -20.52 -19.92 -6.30
C PHE A 36 -20.64 -20.62 -4.96
N CYS A 37 -19.69 -21.50 -4.66
CA CYS A 37 -19.69 -22.17 -3.36
C CYS A 37 -19.37 -21.18 -2.26
N ASN A 38 -18.47 -20.24 -2.57
CA ASN A 38 -18.04 -19.24 -1.60
C ASN A 38 -19.05 -18.10 -1.49
N GLU A 39 -19.21 -17.57 -0.28
CA GLU A 39 -20.12 -16.46 -0.02
C GLU A 39 -19.85 -15.29 -0.97
N TYR A 40 -18.58 -14.92 -1.12
CA TYR A 40 -18.19 -13.82 -2.00
C TYR A 40 -17.41 -14.26 -3.24
N GLY A 41 -17.41 -15.56 -3.53
CA GLY A 41 -16.75 -16.07 -4.73
C GLY A 41 -15.24 -15.90 -4.72
N LEU A 42 -14.71 -15.35 -5.82
CA LEU A 42 -13.27 -15.15 -5.95
C LEU A 42 -12.88 -13.69 -5.76
N LEU A 43 -13.73 -12.92 -5.11
CA LEU A 43 -13.51 -11.49 -5.00
C LEU A 43 -12.53 -11.13 -3.87
N TRP A 44 -11.56 -10.29 -4.20
CA TRP A 44 -10.70 -9.71 -3.19
C TRP A 44 -10.34 -8.25 -3.52
N PRO A 45 -10.74 -7.32 -2.64
CA PRO A 45 -11.51 -7.62 -1.43
C PRO A 45 -13.00 -7.74 -1.73
N ARG A 46 -13.76 -8.31 -0.79
CA ARG A 46 -15.20 -8.41 -0.93
C ARG A 46 -15.84 -7.04 -0.82
N PRO A 47 -16.88 -6.79 -1.65
CA PRO A 47 -17.61 -5.52 -1.65
C PRO A 47 -18.26 -5.18 -0.31
N THR A 48 -18.56 -3.89 -0.12
CA THR A 48 -19.18 -3.40 1.10
C THR A 48 -20.70 -3.25 0.98
N GLY A 49 -21.18 -3.06 -0.24
CA GLY A 49 -22.61 -2.97 -0.49
C GLY A 49 -23.19 -4.27 -1.04
N GLU A 50 -23.85 -4.18 -2.19
CA GLU A 50 -24.47 -5.37 -2.79
C GLU A 50 -23.45 -6.33 -3.38
N ALA A 51 -23.66 -7.61 -3.11
CA ALA A 51 -22.76 -8.66 -3.60
C ALA A 51 -23.55 -9.80 -4.26
N ASP A 52 -24.44 -9.44 -5.18
CA ASP A 52 -25.26 -10.43 -5.87
C ASP A 52 -24.53 -10.96 -7.11
N LEU A 53 -24.09 -12.22 -7.04
CA LEU A 53 -23.34 -12.84 -8.12
C LEU A 53 -24.17 -13.82 -8.96
N GLY A 54 -25.42 -14.02 -8.57
CA GLY A 54 -26.27 -14.93 -9.32
C GLY A 54 -25.89 -16.39 -9.14
N ASN A 55 -26.07 -17.18 -10.20
CA ASN A 55 -25.89 -18.63 -10.10
C ASN A 55 -25.20 -19.28 -11.29
N PHE A 56 -24.95 -18.51 -12.34
CA PHE A 56 -24.45 -19.10 -13.58
C PHE A 56 -23.20 -18.43 -14.15
N LEU A 57 -22.59 -19.09 -15.13
CA LEU A 57 -21.43 -18.56 -15.83
C LEU A 57 -21.76 -18.52 -17.31
N SER A 58 -20.91 -17.89 -18.10
CA SER A 58 -21.13 -17.80 -19.54
C SER A 58 -19.82 -17.87 -20.30
N LYS A 59 -19.75 -18.75 -21.30
CA LYS A 59 -18.57 -18.84 -22.14
C LYS A 59 -18.34 -17.50 -22.84
N ILE A 60 -17.09 -17.09 -22.92
CA ILE A 60 -16.73 -15.77 -23.42
C ILE A 60 -15.61 -15.87 -24.45
N ASN A 61 -15.75 -15.15 -25.56
CA ASN A 61 -14.65 -15.02 -26.51
C ASN A 61 -13.67 -13.94 -26.05
N LEU A 62 -12.42 -14.34 -25.84
CA LEU A 62 -11.41 -13.43 -25.33
C LEU A 62 -11.16 -12.24 -26.28
N ASN A 63 -11.21 -12.50 -27.57
CA ASN A 63 -10.95 -11.48 -28.59
C ASN A 63 -12.13 -10.53 -28.81
N SER A 64 -13.28 -10.89 -28.27
CA SER A 64 -14.48 -10.10 -28.45
C SER A 64 -14.84 -9.32 -27.19
N ILE A 65 -13.83 -8.75 -26.53
CA ILE A 65 -14.04 -7.85 -25.41
C ILE A 65 -13.76 -6.41 -25.83
N GLU A 66 -14.81 -5.59 -25.84
CA GLU A 66 -14.65 -4.20 -26.25
C GLU A 66 -15.09 -3.26 -25.12
N VAL A 67 -14.27 -2.27 -24.83
CA VAL A 67 -14.58 -1.30 -23.78
C VAL A 67 -15.02 0.02 -24.40
N LYS A 68 -16.14 0.56 -23.90
CA LYS A 68 -16.62 1.85 -24.36
C LYS A 68 -16.71 2.85 -23.21
N ILE A 69 -16.04 4.00 -23.39
CA ILE A 69 -16.11 5.11 -22.45
C ILE A 69 -17.23 6.06 -22.89
N LEU A 70 -18.23 6.25 -22.03
CA LEU A 70 -19.41 7.03 -22.41
C LEU A 70 -19.28 8.53 -22.14
N LYS A 71 -18.85 8.90 -20.93
CA LYS A 71 -18.58 10.31 -20.62
C LYS A 71 -17.12 10.66 -20.83
N LYS A 72 -16.86 11.74 -21.56
CA LYS A 72 -15.48 12.15 -21.85
C LYS A 72 -15.11 13.41 -21.06
N GLY A 73 -13.82 13.63 -20.85
CA GLY A 73 -13.35 14.75 -20.04
C GLY A 73 -11.84 14.85 -19.89
N ALA A 74 -11.40 15.40 -18.76
CA ALA A 74 -9.98 15.61 -18.49
C ALA A 74 -9.23 14.31 -18.25
N THR A 75 -9.96 13.28 -17.79
CA THR A 75 -9.36 12.00 -17.46
C THR A 75 -9.44 10.99 -18.62
N ASP A 76 -9.48 11.50 -19.85
CA ASP A 76 -9.55 10.64 -21.04
C ASP A 76 -8.32 9.74 -21.15
N ASP A 77 -7.13 10.34 -21.04
CA ASP A 77 -5.88 9.59 -21.04
C ASP A 77 -5.89 8.43 -20.04
N LEU A 78 -6.35 8.73 -18.82
CA LEU A 78 -6.40 7.75 -17.73
C LEU A 78 -7.39 6.62 -17.99
N MET A 79 -8.58 6.97 -18.45
CA MET A 79 -9.61 5.98 -18.73
C MET A 79 -9.24 5.10 -19.92
N GLU A 80 -8.65 5.69 -20.95
CA GLU A 80 -8.24 4.92 -22.13
C GLU A 80 -7.11 3.93 -21.78
N ALA A 81 -6.20 4.35 -20.90
CA ALA A 81 -5.12 3.48 -20.47
C ALA A 81 -5.65 2.34 -19.60
N ALA A 82 -6.58 2.68 -18.70
CA ALA A 82 -7.17 1.69 -17.80
C ALA A 82 -8.02 0.68 -18.57
N ALA A 83 -8.63 1.12 -19.67
CA ALA A 83 -9.42 0.23 -20.52
C ALA A 83 -8.53 -0.71 -21.31
N LYS A 84 -7.47 -0.17 -21.90
CA LYS A 84 -6.49 -0.99 -22.61
C LYS A 84 -5.88 -2.02 -21.64
N ARG A 85 -5.75 -1.62 -20.38
CA ARG A 85 -5.17 -2.47 -19.34
C ARG A 85 -6.13 -3.59 -18.93
N PHE A 86 -7.40 -3.44 -19.27
CA PHE A 86 -8.45 -4.35 -18.83
C PHE A 86 -8.37 -5.72 -19.51
N LYS A 87 -8.10 -5.71 -20.82
CA LYS A 87 -7.97 -6.96 -21.57
C LYS A 87 -6.87 -7.83 -20.99
N GLU A 88 -5.77 -7.20 -20.60
CA GLU A 88 -4.65 -7.93 -20.01
C GLU A 88 -5.01 -8.52 -18.65
N GLN A 89 -5.78 -7.78 -17.86
CA GLN A 89 -6.24 -8.26 -16.55
C GLN A 89 -7.13 -9.49 -16.66
N VAL A 90 -7.98 -9.53 -17.67
CA VAL A 90 -8.87 -10.65 -17.89
C VAL A 90 -8.08 -11.94 -18.13
N SER A 91 -6.96 -11.82 -18.85
CA SER A 91 -6.11 -12.96 -19.17
C SER A 91 -5.43 -13.59 -17.95
N LEU A 92 -5.49 -12.90 -16.80
CA LEU A 92 -4.93 -13.42 -15.56
C LEU A 92 -5.77 -14.56 -14.99
N ALA A 93 -7.00 -14.70 -15.48
CA ALA A 93 -7.84 -15.82 -15.08
C ALA A 93 -7.30 -17.11 -15.69
N ILE A 94 -6.55 -16.97 -16.79
CA ILE A 94 -6.00 -18.09 -17.53
C ILE A 94 -4.60 -18.47 -17.04
N PRO A 95 -4.41 -19.73 -16.65
CA PRO A 95 -3.08 -20.22 -16.26
C PRO A 95 -2.12 -20.14 -17.44
N ARG A 96 -0.86 -19.78 -17.21
CA ARG A 96 0.14 -19.75 -18.27
C ARG A 96 0.31 -21.15 -18.85
N GLY A 97 0.39 -21.25 -20.17
CA GLY A 97 0.55 -22.55 -20.82
C GLY A 97 -0.78 -23.22 -21.12
N SER A 98 -1.87 -22.52 -20.81
CA SER A 98 -3.21 -22.95 -21.22
C SER A 98 -3.78 -21.87 -22.12
N THR A 99 -4.36 -22.28 -23.25
CA THR A 99 -4.97 -21.33 -24.17
C THR A 99 -6.47 -21.57 -24.26
N PRO A 100 -7.26 -20.50 -24.14
CA PRO A 100 -8.73 -20.62 -24.19
C PRO A 100 -9.23 -20.80 -25.63
N LYS A 101 -10.33 -21.53 -25.78
CA LYS A 101 -10.97 -21.63 -27.08
C LYS A 101 -11.60 -20.27 -27.42
N LEU A 102 -11.36 -19.81 -28.65
CA LEU A 102 -11.89 -18.53 -29.10
C LEU A 102 -13.36 -18.64 -29.54
N THR A 103 -14.24 -18.95 -28.59
CA THR A 103 -15.68 -18.95 -28.81
C THR A 103 -16.40 -18.37 -27.60
N GLY A 104 -17.72 -18.33 -27.70
CA GLY A 104 -18.55 -17.79 -26.63
C GLY A 104 -19.01 -16.40 -26.99
N LYS A 105 -19.70 -15.76 -26.04
CA LYS A 105 -20.28 -14.44 -26.25
C LYS A 105 -19.23 -13.33 -26.36
N ALA A 106 -19.68 -12.15 -26.79
CA ALA A 106 -18.84 -10.95 -26.83
C ALA A 106 -19.15 -10.10 -25.60
N VAL A 107 -18.14 -9.37 -25.11
CA VAL A 107 -18.35 -8.56 -23.92
C VAL A 107 -18.23 -7.07 -24.23
N ASP A 108 -19.26 -6.33 -23.83
CA ASP A 108 -19.23 -4.88 -23.95
C ASP A 108 -19.14 -4.26 -22.57
N VAL A 109 -17.97 -3.68 -22.28
CA VAL A 109 -17.74 -2.98 -21.03
C VAL A 109 -18.10 -1.51 -21.20
N TYR A 110 -19.05 -1.03 -20.41
CA TYR A 110 -19.51 0.35 -20.52
C TYR A 110 -19.08 1.18 -19.32
N LEU A 111 -18.09 2.05 -19.54
CA LEU A 111 -17.57 2.90 -18.48
C LEU A 111 -18.26 4.25 -18.46
N VAL A 112 -18.94 4.53 -17.34
CA VAL A 112 -19.54 5.84 -17.14
C VAL A 112 -18.93 6.54 -15.91
N ASN A 113 -18.07 7.52 -16.19
CA ASN A 113 -17.45 8.37 -15.18
C ASN A 113 -18.21 9.69 -15.12
N GLU A 114 -18.93 9.93 -14.03
CA GLU A 114 -19.86 11.05 -13.97
C GLU A 114 -19.25 12.38 -13.55
N ASN A 115 -17.95 12.37 -13.31
CA ASN A 115 -17.19 13.60 -13.13
C ASN A 115 -15.83 13.45 -13.80
N PRO A 116 -15.83 13.32 -15.15
CA PRO A 116 -14.62 12.93 -15.88
C PRO A 116 -13.47 13.95 -15.86
N ASN A 117 -13.57 14.97 -15.01
CA ASN A 117 -12.55 16.00 -14.88
C ASN A 117 -11.70 15.87 -13.62
N GLU A 118 -12.25 15.25 -12.58
CA GLU A 118 -11.54 14.99 -11.33
C GLU A 118 -10.39 14.03 -11.54
N LYS A 119 -9.18 14.42 -11.17
CA LYS A 119 -8.05 13.49 -11.17
C LYS A 119 -7.02 13.78 -10.09
N ALA A 120 -7.46 14.45 -9.04
CA ALA A 120 -6.57 14.77 -7.93
C ALA A 120 -6.79 13.79 -6.78
N PHE A 121 -5.71 13.39 -6.12
CA PHE A 121 -5.85 12.61 -4.91
C PHE A 121 -6.23 13.53 -3.76
N SER A 122 -7.15 13.05 -2.92
CA SER A 122 -7.52 13.75 -1.69
C SER A 122 -8.11 12.72 -0.73
N LEU A 123 -8.06 13.01 0.56
CA LEU A 123 -8.64 12.11 1.55
C LEU A 123 -10.16 12.03 1.41
N GLU A 124 -10.74 12.98 0.68
CA GLU A 124 -12.19 13.03 0.48
C GLU A 124 -12.63 12.53 -0.90
N MET A 125 -11.69 12.07 -1.71
CA MET A 125 -12.01 11.59 -3.05
C MET A 125 -12.99 10.42 -3.01
N ASP A 126 -13.88 10.35 -3.99
CA ASP A 126 -14.90 9.29 -4.01
C ASP A 126 -14.43 8.07 -4.80
N GLU A 127 -14.25 6.95 -4.10
CA GLU A 127 -13.76 5.73 -4.74
C GLU A 127 -14.84 4.68 -4.84
N SER A 128 -16.10 5.11 -4.80
CA SER A 128 -17.24 4.20 -4.91
C SER A 128 -17.54 3.90 -6.37
N TYR A 129 -18.25 2.80 -6.60
CA TYR A 129 -18.66 2.44 -7.96
C TYR A 129 -19.84 1.49 -7.94
N GLY A 130 -20.49 1.33 -9.09
CA GLY A 130 -21.52 0.32 -9.26
C GLY A 130 -21.16 -0.60 -10.40
N LEU A 131 -21.41 -1.90 -10.22
CA LEU A 131 -21.14 -2.89 -11.25
C LEU A 131 -22.40 -3.69 -11.59
N ARG A 132 -22.83 -3.59 -12.83
CA ARG A 132 -23.94 -4.40 -13.34
C ARG A 132 -23.42 -5.27 -14.48
N VAL A 133 -23.72 -6.56 -14.42
CA VAL A 133 -23.45 -7.46 -15.53
C VAL A 133 -24.73 -8.23 -15.87
N SER A 134 -25.07 -8.27 -17.16
CA SER A 134 -26.25 -9.02 -17.61
C SER A 134 -26.07 -9.40 -19.09
N PRO A 135 -26.76 -10.46 -19.54
CA PRO A 135 -26.70 -10.83 -20.96
C PRO A 135 -27.33 -9.75 -21.86
N SER A 136 -26.75 -9.55 -23.04
CA SER A 136 -27.23 -8.52 -23.95
C SER A 136 -27.72 -9.14 -25.25
N GLY A 137 -29.02 -9.38 -25.35
CA GLY A 137 -29.56 -10.06 -26.51
C GLY A 137 -29.20 -11.53 -26.52
N ALA A 138 -28.54 -11.97 -27.58
CA ALA A 138 -28.22 -13.38 -27.73
C ALA A 138 -26.73 -13.67 -27.52
N ASP A 139 -25.88 -12.96 -28.23
CA ASP A 139 -24.45 -13.31 -28.29
C ASP A 139 -23.54 -12.32 -27.56
N ARG A 140 -24.04 -11.61 -26.57
CA ARG A 140 -23.19 -10.66 -25.84
C ARG A 140 -23.57 -10.35 -24.39
N VAL A 141 -22.65 -9.69 -23.69
CA VAL A 141 -22.80 -9.38 -22.28
C VAL A 141 -22.71 -7.86 -22.06
N ASN A 142 -23.60 -7.35 -21.21
CA ASN A 142 -23.61 -5.93 -20.86
C ASN A 142 -22.95 -5.73 -19.50
N ALA A 143 -21.69 -5.31 -19.53
CA ALA A 143 -20.94 -4.99 -18.31
C ALA A 143 -20.88 -3.47 -18.13
N THR A 144 -21.59 -2.96 -17.12
CA THR A 144 -21.66 -1.52 -16.90
C THR A 144 -21.09 -1.09 -15.54
N ILE A 145 -20.02 -0.29 -15.59
CA ILE A 145 -19.43 0.28 -14.39
C ILE A 145 -19.80 1.76 -14.29
N THR A 146 -20.40 2.14 -13.17
CA THR A 146 -20.81 3.52 -12.94
C THR A 146 -20.19 4.03 -11.65
N ALA A 147 -19.47 5.15 -11.73
CA ALA A 147 -18.81 5.72 -10.55
C ALA A 147 -18.70 7.24 -10.61
N ASN A 148 -18.59 7.87 -9.44
CA ASN A 148 -18.50 9.33 -9.31
C ASN A 148 -17.17 9.93 -9.77
N SER A 149 -16.14 9.09 -9.85
CA SER A 149 -14.82 9.55 -10.33
C SER A 149 -14.09 8.41 -11.02
N PHE A 150 -13.00 8.76 -11.69
CA PHE A 150 -12.15 7.77 -12.37
C PHE A 150 -11.63 6.72 -11.40
N PHE A 151 -11.32 7.13 -10.18
CA PHE A 151 -10.73 6.24 -9.18
C PHE A 151 -11.66 5.08 -8.83
N GLY A 152 -12.93 5.39 -8.56
CA GLY A 152 -13.91 4.37 -8.32
C GLY A 152 -14.15 3.54 -9.57
N MET A 153 -14.05 4.20 -10.72
CA MET A 153 -14.25 3.52 -11.99
C MET A 153 -13.21 2.44 -12.23
N ARG A 154 -11.93 2.76 -11.99
CA ARG A 154 -10.88 1.77 -12.23
C ARG A 154 -10.90 0.68 -11.15
N HIS A 155 -11.34 1.05 -9.95
CA HIS A 155 -11.67 0.06 -8.93
C HIS A 155 -12.72 -0.95 -9.46
N GLY A 156 -13.72 -0.45 -10.18
CA GLY A 156 -14.76 -1.29 -10.76
C GLY A 156 -14.26 -2.20 -11.88
N LEU A 157 -13.38 -1.67 -12.73
CA LEU A 157 -12.71 -2.50 -13.73
C LEU A 157 -11.94 -3.64 -13.06
N GLU A 158 -11.37 -3.36 -11.90
CA GLU A 158 -10.59 -4.36 -11.19
C GLU A 158 -11.50 -5.50 -10.74
N THR A 159 -12.62 -5.13 -10.12
CA THR A 159 -13.62 -6.08 -9.64
C THR A 159 -14.23 -6.88 -10.79
N LEU A 160 -14.49 -6.20 -11.89
CA LEU A 160 -15.03 -6.85 -13.07
C LEU A 160 -14.08 -7.94 -13.59
N SER A 161 -12.79 -7.64 -13.65
CA SER A 161 -11.81 -8.63 -14.13
C SER A 161 -11.70 -9.84 -13.21
N GLN A 162 -12.22 -9.72 -11.99
CA GLN A 162 -12.20 -10.84 -11.04
C GLN A 162 -13.42 -11.75 -11.22
N LEU A 163 -14.31 -11.38 -12.14
CA LEU A 163 -15.52 -12.16 -12.38
C LEU A 163 -15.36 -13.11 -13.56
N PHE A 164 -14.11 -13.22 -14.04
CA PHE A 164 -13.76 -14.19 -15.08
C PHE A 164 -13.06 -15.39 -14.46
N VAL A 165 -13.47 -16.59 -14.87
CA VAL A 165 -12.79 -17.81 -14.42
C VAL A 165 -12.44 -18.67 -15.62
N PHE A 166 -11.34 -19.39 -15.52
CA PHE A 166 -10.96 -20.31 -16.59
C PHE A 166 -11.34 -21.74 -16.24
N ASP A 167 -11.96 -22.41 -17.19
CA ASP A 167 -12.35 -23.80 -17.04
C ASP A 167 -11.27 -24.63 -17.71
N ASP A 168 -10.36 -25.18 -16.90
CA ASP A 168 -9.23 -25.94 -17.44
C ASP A 168 -9.59 -27.38 -17.78
N ILE A 169 -10.85 -27.75 -17.51
CA ILE A 169 -11.39 -29.02 -17.97
C ILE A 169 -11.75 -28.95 -19.46
N ARG A 170 -12.40 -27.86 -19.85
CA ARG A 170 -12.87 -27.69 -21.22
C ARG A 170 -12.05 -26.67 -22.04
N ASP A 171 -11.15 -25.95 -21.37
CA ASP A 171 -10.45 -24.78 -21.93
C ASP A 171 -11.42 -23.67 -22.33
N HIS A 172 -12.36 -23.36 -21.44
CA HIS A 172 -13.32 -22.28 -21.68
C HIS A 172 -13.06 -21.09 -20.76
N LEU A 173 -13.03 -19.89 -21.34
CA LEU A 173 -13.04 -18.68 -20.52
C LEU A 173 -14.48 -18.34 -20.19
N LEU A 174 -14.76 -18.21 -18.89
CA LEU A 174 -16.13 -17.98 -18.45
C LEU A 174 -16.24 -16.64 -17.73
N MET A 175 -17.47 -16.14 -17.64
CA MET A 175 -17.76 -14.93 -16.86
C MET A 175 -19.07 -15.13 -16.10
N VAL A 176 -19.18 -14.52 -14.93
CA VAL A 176 -20.42 -14.52 -14.16
C VAL A 176 -21.52 -13.84 -14.99
N ARG A 177 -22.68 -14.48 -15.08
CA ARG A 177 -23.71 -14.03 -16.03
C ARG A 177 -24.51 -12.85 -15.51
N ASP A 178 -24.88 -12.90 -14.24
CA ASP A 178 -25.73 -11.85 -13.67
C ASP A 178 -25.15 -11.33 -12.37
N VAL A 179 -24.49 -10.17 -12.44
CA VAL A 179 -23.97 -9.53 -11.22
C VAL A 179 -24.54 -8.13 -10.98
N ASN A 180 -24.83 -7.86 -9.70
CA ASN A 180 -25.18 -6.53 -9.24
C ASN A 180 -24.32 -6.18 -8.03
N ILE A 181 -23.33 -5.31 -8.24
CA ILE A 181 -22.41 -4.90 -7.17
C ILE A 181 -22.38 -3.39 -6.95
N SER A 182 -22.53 -3.00 -5.68
CA SER A 182 -22.28 -1.62 -5.28
C SER A 182 -21.18 -1.65 -4.22
N ASP A 183 -20.18 -0.77 -4.36
CA ASP A 183 -19.01 -0.89 -3.51
C ASP A 183 -18.35 0.47 -3.22
N LYS A 184 -17.74 0.57 -2.03
CA LYS A 184 -16.94 1.72 -1.64
C LYS A 184 -16.11 1.38 -0.39
N PRO A 185 -14.89 1.92 -0.30
CA PRO A 185 -13.99 1.63 0.84
C PRO A 185 -14.42 2.32 2.13
N VAL A 186 -14.17 1.64 3.26
CA VAL A 186 -14.39 2.18 4.59
C VAL A 186 -13.36 3.26 4.96
N TYR A 187 -12.10 3.02 4.59
CA TYR A 187 -11.05 3.99 4.88
C TYR A 187 -10.46 4.59 3.61
N PRO A 188 -10.20 5.91 3.62
CA PRO A 188 -9.65 6.59 2.43
C PRO A 188 -8.15 6.37 2.22
N TYR A 189 -7.42 6.00 3.27
CA TYR A 189 -5.96 5.81 3.18
C TYR A 189 -5.58 4.34 3.35
N ARG A 190 -5.30 3.66 2.24
CA ARG A 190 -4.87 2.27 2.29
C ARG A 190 -3.49 2.19 1.66
N GLY A 191 -2.48 1.90 2.46
CA GLY A 191 -1.13 2.04 1.95
C GLY A 191 -0.06 0.99 2.23
N ILE A 192 1.06 1.15 1.55
CA ILE A 192 2.27 0.41 1.86
C ILE A 192 3.41 1.40 2.03
N LEU A 193 4.15 1.28 3.13
CA LEU A 193 5.37 2.04 3.30
C LEU A 193 6.51 1.20 2.73
N LEU A 194 7.19 1.73 1.72
CA LEU A 194 8.35 1.05 1.15
C LEU A 194 9.64 1.84 1.46
N ASP A 195 10.47 1.27 2.32
CA ASP A 195 11.77 1.86 2.68
C ASP A 195 12.79 1.54 1.58
N THR A 196 13.23 2.57 0.85
CA THR A 196 14.19 2.36 -0.23
C THR A 196 15.52 3.01 0.07
N ALA A 197 15.85 3.14 1.36
CA ALA A 197 17.12 3.77 1.75
C ALA A 197 18.04 2.82 2.51
N ARG A 198 17.47 1.93 3.31
CA ARG A 198 18.25 0.90 3.99
C ARG A 198 18.77 -0.11 2.95
N ASN A 199 18.05 -0.22 1.84
CA ASN A 199 18.45 -1.00 0.68
C ASN A 199 17.75 -0.47 -0.56
N TYR A 200 18.35 -0.69 -1.72
CA TYR A 200 17.82 -0.15 -2.97
C TYR A 200 16.75 -1.07 -3.58
N TYR A 201 15.76 -0.46 -4.23
CA TYR A 201 14.69 -1.20 -4.91
C TYR A 201 14.63 -0.71 -6.34
N SER A 202 14.77 -1.62 -7.30
CA SER A 202 14.71 -1.20 -8.71
C SER A 202 13.39 -0.54 -9.01
N ILE A 203 13.39 0.40 -9.97
CA ILE A 203 12.18 1.06 -10.44
C ILE A 203 11.16 0.03 -10.90
N GLU A 204 11.66 -1.01 -11.56
CA GLU A 204 10.78 -2.04 -12.10
C GLU A 204 10.05 -2.78 -10.98
N SER A 205 10.77 -3.06 -9.89
CA SER A 205 10.17 -3.74 -8.75
C SER A 205 9.14 -2.85 -8.05
N ILE A 206 9.35 -1.53 -8.13
CA ILE A 206 8.41 -0.58 -7.55
C ILE A 206 7.12 -0.50 -8.39
N LYS A 207 7.26 -0.43 -9.71
CA LYS A 207 6.10 -0.48 -10.60
C LYS A 207 5.34 -1.80 -10.43
N ARG A 208 6.09 -2.89 -10.25
CA ARG A 208 5.48 -4.20 -10.02
C ARG A 208 4.67 -4.19 -8.72
N THR A 209 5.20 -3.53 -7.69
CA THR A 209 4.47 -3.37 -6.43
C THR A 209 3.16 -2.60 -6.63
N ILE A 210 3.26 -1.43 -7.26
CA ILE A 210 2.08 -0.62 -7.56
C ILE A 210 1.03 -1.42 -8.35
N GLU A 211 1.51 -2.29 -9.25
CA GLU A 211 0.63 -3.13 -10.06
C GLU A 211 -0.18 -4.08 -9.18
N ALA A 212 0.48 -4.66 -8.17
CA ALA A 212 -0.17 -5.57 -7.24
C ALA A 212 -1.10 -4.84 -6.27
N MET A 213 -0.70 -3.64 -5.88
CA MET A 213 -1.51 -2.80 -5.01
C MET A 213 -2.86 -2.49 -5.64
N ALA A 214 -2.84 -2.13 -6.92
CA ALA A 214 -4.07 -1.83 -7.67
C ALA A 214 -4.99 -3.03 -7.72
N ALA A 215 -4.42 -4.22 -7.83
CA ALA A 215 -5.20 -5.45 -7.96
C ALA A 215 -6.07 -5.73 -6.74
N VAL A 216 -5.66 -5.22 -5.58
CA VAL A 216 -6.47 -5.37 -4.37
C VAL A 216 -6.89 -4.00 -3.80
N LYS A 217 -6.95 -3.01 -4.67
CA LYS A 217 -7.42 -1.67 -4.42
C LYS A 217 -6.79 -0.84 -3.33
N LEU A 218 -5.49 -0.96 -3.16
CA LEU A 218 -4.83 -0.16 -2.19
C LEU A 218 -4.37 1.04 -2.94
N ASN A 219 -4.41 2.19 -2.33
CA ASN A 219 -4.32 3.45 -3.05
C ASN A 219 -3.14 4.36 -2.71
N THR A 220 -2.29 3.95 -1.77
CA THR A 220 -1.12 4.75 -1.34
C THR A 220 0.23 4.06 -1.19
N LEU A 221 1.22 4.55 -1.90
CA LEU A 221 2.59 4.12 -1.73
C LEU A 221 3.36 5.22 -1.04
N HIS A 222 3.80 4.94 0.15
CA HIS A 222 4.52 5.84 0.94
C HIS A 222 5.94 5.47 0.71
N TRP A 223 6.64 6.36 0.07
CA TRP A 223 7.99 6.09 -0.42
C TRP A 223 9.03 6.68 0.54
N HIS A 224 9.49 5.84 1.47
CA HIS A 224 10.51 6.24 2.44
C HIS A 224 11.86 6.28 1.72
N ILE A 225 12.11 7.40 1.05
CA ILE A 225 13.16 7.49 0.05
C ILE A 225 14.56 7.87 0.58
N THR A 226 14.64 8.38 1.79
CA THR A 226 15.94 8.70 2.40
C THR A 226 16.06 8.20 3.84
N ASP A 227 17.29 7.89 4.24
CA ASP A 227 17.58 7.57 5.62
C ASP A 227 19.06 7.77 5.86
N SER A 228 19.56 7.27 6.98
CA SER A 228 20.95 7.51 7.35
C SER A 228 21.89 6.67 6.49
N GLN A 229 21.39 5.54 5.99
CA GLN A 229 22.21 4.60 5.22
C GLN A 229 22.43 4.99 3.75
N SER A 230 21.51 5.79 3.19
CA SER A 230 21.68 6.26 1.80
C SER A 230 20.76 7.41 1.41
N PHE A 231 21.12 8.08 0.32
CA PHE A 231 20.32 9.17 -0.23
C PHE A 231 20.18 8.97 -1.73
N PRO A 232 19.25 8.09 -2.15
CA PRO A 232 19.10 7.80 -3.58
C PRO A 232 18.26 8.82 -4.34
N PHE A 233 17.54 9.68 -3.62
CA PHE A 233 16.71 10.67 -4.30
C PHE A 233 17.54 11.72 -5.02
N VAL A 234 17.39 11.78 -6.34
CA VAL A 234 18.16 12.73 -7.12
C VAL A 234 17.63 14.15 -6.94
N THR A 235 18.33 14.93 -6.12
CA THR A 235 17.97 16.33 -5.90
C THR A 235 18.85 17.25 -6.75
N THR A 236 18.22 17.90 -7.72
CA THR A 236 18.94 18.77 -8.65
C THR A 236 19.57 19.99 -7.95
N LYS A 237 18.84 20.61 -7.04
CA LYS A 237 19.33 21.81 -6.34
C LYS A 237 20.47 21.51 -5.33
N ARG A 238 20.55 20.27 -4.85
CA ARG A 238 21.63 19.89 -3.92
C ARG A 238 22.25 18.55 -4.32
N PRO A 239 22.89 18.51 -5.50
CA PRO A 239 23.30 17.25 -6.11
C PRO A 239 24.39 16.54 -5.31
N ASN A 240 25.06 17.29 -4.44
CA ASN A 240 26.07 16.70 -3.58
C ASN A 240 25.50 15.64 -2.63
N LEU A 241 24.21 15.74 -2.31
CA LEU A 241 23.55 14.82 -1.39
C LEU A 241 23.42 13.41 -1.94
N TYR A 242 22.99 13.29 -3.21
CA TYR A 242 22.82 11.97 -3.80
C TYR A 242 24.11 11.42 -4.39
N LYS A 243 25.03 12.32 -4.74
CA LYS A 243 26.32 11.90 -5.27
C LYS A 243 27.14 11.19 -4.18
N PHE A 244 27.07 11.69 -2.96
CA PHE A 244 27.81 11.09 -1.87
C PHE A 244 26.94 10.08 -1.12
N GLY A 245 25.61 10.23 -1.23
CA GLY A 245 24.68 9.47 -0.42
C GLY A 245 24.26 8.13 -1.00
N ALA A 246 24.20 8.06 -2.32
CA ALA A 246 23.77 6.84 -2.99
C ALA A 246 24.74 5.68 -2.79
N LEU A 247 24.20 4.46 -2.78
CA LEU A 247 24.99 3.26 -2.59
C LEU A 247 25.93 3.03 -3.77
N SER A 248 25.51 3.51 -4.93
CA SER A 248 26.28 3.39 -6.17
C SER A 248 25.63 4.34 -7.16
N PRO A 249 26.34 4.70 -8.24
CA PRO A 249 25.73 5.62 -9.22
C PRO A 249 24.44 5.09 -9.86
N GLN A 250 24.32 3.78 -10.06
CA GLN A 250 23.12 3.21 -10.67
C GLN A 250 21.97 3.09 -9.67
N LYS A 251 22.31 3.04 -8.38
CA LYS A 251 21.30 2.91 -7.33
C LYS A 251 20.77 4.26 -6.88
N VAL A 252 19.90 4.81 -7.71
CA VAL A 252 19.52 6.20 -7.57
C VAL A 252 18.10 6.35 -8.14
N TYR A 253 17.39 7.40 -7.75
CA TYR A 253 16.04 7.62 -8.27
C TYR A 253 15.94 8.98 -8.97
N THR A 254 16.08 8.96 -10.28
CA THR A 254 16.12 10.20 -11.06
C THR A 254 14.74 10.79 -11.23
N LYS A 255 14.71 12.05 -11.69
CA LYS A 255 13.45 12.74 -11.91
C LYS A 255 12.61 12.02 -12.98
N ALA A 256 13.25 11.52 -14.02
CA ALA A 256 12.53 10.79 -15.05
C ALA A 256 11.95 9.48 -14.48
N ALA A 257 12.70 8.80 -13.64
CA ALA A 257 12.23 7.53 -13.07
C ALA A 257 11.07 7.75 -12.09
N ILE A 258 11.21 8.78 -11.25
CA ILE A 258 10.17 9.09 -10.28
C ILE A 258 8.87 9.52 -10.97
N ARG A 259 8.99 10.32 -12.04
CA ARG A 259 7.82 10.70 -12.83
C ARG A 259 7.12 9.48 -13.40
N GLU A 260 7.90 8.56 -13.98
CA GLU A 260 7.37 7.29 -14.46
C GLU A 260 6.57 6.58 -13.38
N VAL A 261 7.16 6.46 -12.19
CA VAL A 261 6.51 5.78 -11.08
C VAL A 261 5.22 6.50 -10.66
N VAL A 262 5.32 7.81 -10.49
CA VAL A 262 4.18 8.64 -10.10
C VAL A 262 3.02 8.52 -11.10
N ARG A 263 3.34 8.60 -12.39
CA ARG A 263 2.34 8.47 -13.44
C ARG A 263 1.75 7.05 -13.47
N PHE A 264 2.62 6.06 -13.35
CA PHE A 264 2.22 4.65 -13.31
C PHE A 264 1.23 4.45 -12.17
N GLY A 265 1.48 5.13 -11.05
CA GLY A 265 0.62 4.99 -9.89
C GLY A 265 -0.72 5.68 -10.12
N LEU A 266 -0.66 6.85 -10.72
CA LEU A 266 -1.86 7.62 -11.01
C LEU A 266 -2.82 6.83 -11.90
N GLU A 267 -2.27 6.20 -12.94
CA GLU A 267 -3.08 5.38 -13.85
C GLU A 267 -3.78 4.22 -13.13
N ARG A 268 -3.36 3.94 -11.90
CA ARG A 268 -3.81 2.76 -11.17
C ARG A 268 -4.42 3.13 -9.82
N GLY A 269 -4.75 4.41 -9.66
CA GLY A 269 -5.36 4.88 -8.44
C GLY A 269 -4.44 4.83 -7.23
N VAL A 270 -3.14 4.91 -7.47
CA VAL A 270 -2.20 4.90 -6.36
C VAL A 270 -1.47 6.23 -6.16
N ARG A 271 -1.71 6.83 -5.00
CA ARG A 271 -1.02 8.02 -4.55
C ARG A 271 0.42 7.67 -4.16
N VAL A 272 1.40 8.31 -4.79
CA VAL A 272 2.80 8.13 -4.43
C VAL A 272 3.24 9.21 -3.44
N LEU A 273 3.24 8.86 -2.15
CA LEU A 273 3.47 9.82 -1.08
C LEU A 273 4.93 9.80 -0.60
N PRO A 274 5.69 10.85 -0.94
CA PRO A 274 7.12 10.88 -0.60
C PRO A 274 7.37 11.26 0.86
N GLU A 275 8.41 10.69 1.47
CA GLU A 275 8.79 11.08 2.82
C GLU A 275 10.24 11.56 2.86
N PHE A 276 10.47 12.71 3.50
CA PHE A 276 11.82 13.04 3.94
C PHE A 276 11.88 12.98 5.46
N ASP A 277 12.44 11.90 5.98
CA ASP A 277 12.54 11.70 7.43
C ASP A 277 13.60 12.63 8.04
N ALA A 278 13.19 13.45 9.01
CA ALA A 278 14.11 14.37 9.71
C ALA A 278 13.57 14.66 11.11
N PRO A 279 14.43 15.15 12.04
CA PRO A 279 15.84 15.48 11.92
C PRO A 279 16.78 14.31 12.23
N ALA A 280 16.22 13.19 12.67
CA ALA A 280 17.00 11.95 12.77
C ALA A 280 16.92 11.21 11.42
N HIS A 281 17.52 10.02 11.36
CA HIS A 281 17.52 9.20 10.14
C HIS A 281 18.15 9.91 8.94
N VAL A 282 19.30 10.55 9.18
CA VAL A 282 20.07 11.19 8.13
C VAL A 282 21.52 10.80 8.33
N GLY A 283 22.33 10.92 7.29
CA GLY A 283 23.73 10.57 7.40
C GLY A 283 24.46 10.64 6.09
N GLU A 284 24.49 9.51 5.37
CA GLU A 284 25.07 9.46 4.03
C GLU A 284 24.49 10.57 3.15
N GLY A 285 25.38 11.33 2.53
CA GLY A 285 24.99 12.42 1.65
C GLY A 285 25.31 13.80 2.21
N TRP A 286 25.35 13.89 3.53
CA TRP A 286 25.52 15.17 4.23
C TRP A 286 26.96 15.38 4.67
N GLN A 287 27.86 14.52 4.23
CA GLN A 287 29.28 14.65 4.56
C GLN A 287 29.83 15.98 4.03
N ASP A 288 30.67 16.63 4.84
CA ASP A 288 31.32 17.90 4.47
C ASP A 288 30.36 19.07 4.24
N THR A 289 29.15 18.96 4.81
CA THR A 289 28.21 20.08 4.80
C THR A 289 28.19 20.75 6.17
N ASP A 290 28.65 20.01 7.17
CA ASP A 290 28.70 20.48 8.55
C ASP A 290 27.28 20.70 9.10
N LEU A 291 26.31 20.01 8.50
CA LEU A 291 24.91 20.17 8.88
C LEU A 291 24.35 18.99 9.68
N THR A 292 25.21 18.02 10.01
CA THR A 292 24.82 16.90 10.86
C THR A 292 25.80 16.66 12.02
N VAL A 293 25.37 15.89 12.99
CA VAL A 293 26.24 15.53 14.09
C VAL A 293 26.08 14.03 14.29
N CYS A 294 27.07 13.40 14.93
CA CYS A 294 26.97 12.02 15.36
C CYS A 294 27.06 11.04 14.21
N PHE A 295 27.41 11.46 13.01
CA PHE A 295 27.45 10.52 11.91
C PHE A 295 28.55 9.48 12.15
N LYS A 296 28.14 8.22 12.08
CA LYS A 296 28.99 7.07 12.36
C LYS A 296 29.61 7.14 13.76
N ALA A 297 28.90 7.76 14.70
CA ALA A 297 29.37 7.86 16.08
C ALA A 297 29.47 6.49 16.74
N GLU A 298 30.56 6.27 17.46
CA GLU A 298 30.78 5.00 18.15
C GLU A 298 31.06 5.21 19.65
N PRO A 299 30.54 4.31 20.50
CA PRO A 299 29.70 3.15 20.18
C PRO A 299 28.25 3.51 19.86
N TRP A 300 27.72 2.97 18.75
CA TRP A 300 26.42 3.42 18.24
C TRP A 300 25.22 3.22 19.19
N LYS A 301 25.30 2.25 20.09
CA LYS A 301 24.21 1.99 21.03
C LYS A 301 23.98 3.14 22.00
N SER A 302 24.96 4.04 22.11
CA SER A 302 24.86 5.19 23.02
C SER A 302 24.20 6.38 22.35
N TYR A 303 24.05 6.32 21.03
CA TYR A 303 23.69 7.50 20.26
C TYR A 303 22.48 7.35 19.33
N CYS A 304 22.13 6.11 18.98
CA CYS A 304 20.97 5.88 18.10
C CYS A 304 20.47 4.44 18.20
N VAL A 305 19.27 4.19 17.67
CA VAL A 305 18.66 2.86 17.75
C VAL A 305 19.29 1.84 16.80
N GLU A 306 19.88 2.32 15.70
CA GLU A 306 20.57 1.44 14.74
C GLU A 306 21.59 2.23 13.92
N PRO A 307 22.75 1.60 13.66
CA PRO A 307 23.85 2.24 12.91
C PRO A 307 23.52 2.38 11.44
N PRO A 308 24.08 3.41 10.77
CA PRO A 308 24.91 4.44 11.40
C PRO A 308 24.09 5.52 12.08
N CYS A 309 24.63 6.10 13.14
CA CYS A 309 23.99 7.24 13.79
C CYS A 309 24.13 8.49 12.92
N GLY A 310 23.33 9.50 13.23
CA GLY A 310 23.38 10.75 12.48
C GLY A 310 22.08 11.54 12.56
N GLN A 311 22.18 12.81 12.93
CA GLN A 311 21.02 13.70 12.98
C GLN A 311 21.37 15.08 12.43
N LEU A 312 20.36 15.78 11.93
CA LEU A 312 20.53 17.16 11.47
C LEU A 312 20.82 18.09 12.65
N ASN A 313 21.60 19.14 12.38
CA ASN A 313 21.87 20.19 13.35
C ASN A 313 20.91 21.36 13.11
N PRO A 314 19.85 21.46 13.92
CA PRO A 314 18.82 22.49 13.70
C PRO A 314 19.34 23.90 13.94
N THR A 315 20.45 24.05 14.65
CA THR A 315 20.97 25.37 15.02
C THR A 315 21.63 26.11 13.87
N LYS A 316 21.69 25.48 12.70
CA LYS A 316 22.33 26.11 11.54
C LYS A 316 21.32 26.56 10.48
N ASP A 317 21.33 27.85 10.17
CA ASP A 317 20.38 28.45 9.24
C ASP A 317 20.45 27.83 7.83
N GLU A 318 21.65 27.44 7.41
CA GLU A 318 21.87 26.89 6.08
C GLU A 318 21.14 25.55 5.88
N LEU A 319 20.89 24.84 6.98
CA LEU A 319 20.14 23.58 6.94
C LEU A 319 18.79 23.75 6.25
N TYR A 320 18.09 24.83 6.60
CA TYR A 320 16.73 25.05 6.10
C TYR A 320 16.72 25.50 4.64
N GLN A 321 17.87 25.95 4.14
CA GLN A 321 18.02 26.22 2.72
C GLN A 321 18.21 24.92 1.94
N TYR A 322 18.92 23.98 2.56
CA TYR A 322 19.02 22.63 2.00
C TYR A 322 17.65 21.97 1.98
N LEU A 323 16.99 21.99 3.14
CA LEU A 323 15.66 21.41 3.31
C LEU A 323 14.66 21.95 2.31
N GLU A 324 14.63 23.26 2.14
CA GLU A 324 13.71 23.88 1.19
C GLU A 324 13.95 23.35 -0.21
N ASP A 325 15.22 23.20 -0.58
CA ASP A 325 15.58 22.74 -1.90
C ASP A 325 15.19 21.27 -2.11
N ILE A 326 15.46 20.42 -1.12
CA ILE A 326 15.06 19.02 -1.17
C ILE A 326 13.54 18.90 -1.34
N TYR A 327 12.79 19.61 -0.50
CA TYR A 327 11.34 19.58 -0.56
C TYR A 327 10.85 20.07 -1.93
N SER A 328 11.45 21.13 -2.45
CA SER A 328 11.06 21.69 -3.74
C SER A 328 11.29 20.70 -4.87
N ASP A 329 12.40 19.97 -4.79
CA ASP A 329 12.69 18.97 -5.80
C ASP A 329 11.72 17.79 -5.70
N MET A 330 11.30 17.45 -4.48
CA MET A 330 10.30 16.41 -4.28
C MET A 330 8.94 16.86 -4.81
N ALA A 331 8.55 18.07 -4.45
CA ALA A 331 7.25 18.62 -4.86
C ALA A 331 7.10 18.67 -6.38
N GLU A 332 8.22 18.83 -7.08
CA GLU A 332 8.21 18.94 -8.53
C GLU A 332 7.90 17.62 -9.23
N VAL A 333 8.47 16.53 -8.72
CA VAL A 333 8.28 15.22 -9.34
C VAL A 333 7.18 14.39 -8.66
N PHE A 334 7.02 14.54 -7.35
CA PHE A 334 5.87 13.92 -6.67
C PHE A 334 4.68 14.86 -6.75
N ASP A 335 4.12 15.04 -7.95
CA ASP A 335 3.12 16.07 -8.18
C ASP A 335 1.68 15.56 -8.23
N THR A 336 1.42 14.41 -7.62
CA THR A 336 0.06 13.92 -7.46
C THR A 336 -0.31 13.85 -5.98
N THR A 337 0.70 13.95 -5.12
CA THR A 337 0.46 13.82 -3.68
C THR A 337 -0.25 15.05 -3.08
N ASP A 338 -1.16 14.78 -2.17
CA ASP A 338 -1.91 15.81 -1.45
C ASP A 338 -1.39 15.89 -0.03
N ILE A 339 -0.46 15.00 0.30
CA ILE A 339 0.06 14.87 1.65
C ILE A 339 1.60 14.79 1.57
N PHE A 340 2.28 15.17 2.64
CA PHE A 340 3.74 15.06 2.71
C PHE A 340 4.12 14.46 4.06
N HIS A 341 5.01 13.48 4.04
CA HIS A 341 5.43 12.82 5.28
C HIS A 341 6.78 13.41 5.71
N MET A 342 6.87 13.87 6.95
CA MET A 342 8.12 14.48 7.41
C MET A 342 8.84 13.61 8.46
N GLY A 343 8.44 12.35 8.53
CA GLY A 343 9.07 11.39 9.40
C GLY A 343 8.76 11.63 10.87
N GLY A 344 9.66 12.33 11.55
CA GLY A 344 9.51 12.58 12.97
C GLY A 344 9.89 11.37 13.80
N ASP A 345 10.73 10.50 13.24
CA ASP A 345 11.24 9.36 13.98
C ASP A 345 11.97 9.82 15.23
N GLU A 346 12.02 8.97 16.26
CA GLU A 346 12.58 9.34 17.56
C GLU A 346 13.99 9.95 17.48
N VAL A 347 14.12 11.15 18.04
CA VAL A 347 15.39 11.85 18.09
C VAL A 347 16.20 11.40 19.30
N SER A 348 17.52 11.36 19.16
CA SER A 348 18.42 11.01 20.26
C SER A 348 18.97 12.24 20.96
N GLU A 349 18.63 12.40 22.25
CA GLU A 349 19.12 13.53 23.04
C GLU A 349 20.63 13.41 23.16
N ALA A 350 21.10 12.18 23.40
CA ALA A 350 22.53 11.91 23.50
C ALA A 350 23.34 12.46 22.32
N CYS A 351 22.78 12.34 21.13
CA CYS A 351 23.45 12.84 19.94
C CYS A 351 23.55 14.34 19.92
N TRP A 352 22.42 15.00 20.11
CA TRP A 352 22.39 16.46 20.09
C TRP A 352 23.23 17.06 21.20
N ASN A 353 23.27 16.39 22.35
CA ASN A 353 24.01 16.87 23.50
C ASN A 353 25.51 16.72 23.35
N SER A 354 25.94 15.94 22.36
CA SER A 354 27.38 15.74 22.11
C SER A 354 27.96 16.83 21.21
N SER A 355 27.13 17.79 20.81
CA SER A 355 27.59 18.85 19.91
C SER A 355 27.86 20.18 20.60
N ASP A 356 29.05 20.71 20.34
CA ASP A 356 29.48 22.00 20.89
C ASP A 356 28.54 23.12 20.44
N SER A 357 28.39 23.28 19.13
CA SER A 357 27.55 24.32 18.55
C SER A 357 26.11 24.28 19.07
N ILE A 358 25.60 23.07 19.30
CA ILE A 358 24.23 22.87 19.74
C ILE A 358 24.04 23.28 21.20
N GLN A 359 24.97 22.86 22.06
CA GLN A 359 24.94 23.23 23.47
C GLN A 359 25.03 24.73 23.68
N ASN A 360 25.97 25.38 22.97
CA ASN A 360 26.09 26.83 23.01
C ASN A 360 24.79 27.52 22.59
N PHE A 361 24.14 26.98 21.57
CA PHE A 361 22.87 27.52 21.07
C PHE A 361 21.80 27.47 22.15
N MET A 362 21.81 26.42 22.96
CA MET A 362 20.79 26.22 23.98
C MET A 362 21.08 27.02 25.26
N MET A 363 22.36 27.23 25.54
CA MET A 363 22.76 28.08 26.66
C MET A 363 22.50 29.56 26.33
N GLN A 364 23.01 30.00 25.19
CA GLN A 364 22.87 31.40 24.75
C GLN A 364 21.41 31.79 24.45
N ASN A 365 20.53 30.84 24.60
CA ASN A 365 19.11 31.08 24.47
C ASN A 365 18.39 30.68 25.73
N ARG A 366 19.16 30.32 26.74
CA ARG A 366 18.59 30.13 28.04
C ARG A 366 18.03 28.76 28.33
N TRP A 367 17.98 27.90 27.34
CA TRP A 367 17.42 26.60 27.53
C TRP A 367 18.46 25.86 28.30
N ASP A 368 18.09 24.74 28.86
CA ASP A 368 19.05 23.93 29.58
C ASP A 368 19.55 22.78 28.72
N LEU A 369 20.11 21.76 29.38
CA LEU A 369 20.61 20.59 28.69
C LEU A 369 19.89 19.35 29.21
N ASP A 370 18.56 19.47 29.36
CA ASP A 370 17.73 18.36 29.83
C ASP A 370 16.74 17.90 28.76
N LYS A 371 16.08 16.76 29.01
CA LYS A 371 15.17 16.16 28.03
C LYS A 371 14.11 17.13 27.50
N GLU A 372 13.61 18.00 28.37
CA GLU A 372 12.61 18.97 27.95
C GLU A 372 13.21 20.05 27.06
N SER A 373 14.48 20.37 27.30
CA SER A 373 15.17 21.36 26.48
C SER A 373 15.37 20.88 25.03
N PHE A 374 15.77 19.61 24.89
CA PHE A 374 16.00 19.04 23.57
C PHE A 374 14.69 18.80 22.83
N LEU A 375 13.61 18.71 23.59
CA LEU A 375 12.28 18.62 23.01
C LEU A 375 11.89 19.97 22.40
N LYS A 376 12.44 21.05 22.96
CA LYS A 376 12.22 22.39 22.42
C LYS A 376 13.01 22.57 21.14
N LEU A 377 14.23 22.05 21.12
CA LEU A 377 15.07 22.11 19.93
C LEU A 377 14.36 21.40 18.78
N TRP A 378 13.77 20.24 19.08
CA TRP A 378 13.02 19.47 18.09
C TRP A 378 11.81 20.27 17.59
N ASN A 379 11.07 20.88 18.52
CA ASN A 379 9.96 21.75 18.12
C ASN A 379 10.45 22.89 17.26
N TYR A 380 11.59 23.44 17.63
CA TYR A 380 12.22 24.54 16.89
C TYR A 380 12.50 24.09 15.46
N PHE A 381 13.08 22.90 15.31
CA PHE A 381 13.36 22.33 14.00
C PHE A 381 12.10 22.12 13.16
N GLN A 382 11.15 21.36 13.71
CA GLN A 382 9.96 20.98 12.98
C GLN A 382 9.13 22.18 12.51
N GLN A 383 9.14 23.25 13.29
CA GLN A 383 8.40 24.46 12.92
C GLN A 383 9.01 25.12 11.68
N LYS A 384 10.34 25.20 11.64
CA LYS A 384 11.03 25.80 10.50
C LYS A 384 10.99 24.89 9.27
N ALA A 385 11.15 23.58 9.48
CA ALA A 385 11.05 22.61 8.39
C ALA A 385 9.68 22.68 7.73
N GLN A 386 8.65 22.68 8.58
CA GLN A 386 7.26 22.79 8.14
C GLN A 386 7.04 24.01 7.25
N ASP A 387 7.64 25.14 7.64
CA ASP A 387 7.50 26.39 6.90
C ASP A 387 8.05 26.23 5.48
N LYS A 388 9.21 25.59 5.37
CA LYS A 388 9.84 25.34 4.08
C LYS A 388 9.05 24.33 3.22
N ALA A 389 8.49 23.30 3.87
CA ALA A 389 7.65 22.35 3.15
C ALA A 389 6.47 23.05 2.47
N TYR A 390 5.84 24.00 3.19
CA TYR A 390 4.71 24.73 2.65
C TYR A 390 5.13 25.56 1.44
N LYS A 391 6.27 26.22 1.57
CA LYS A 391 6.81 27.05 0.49
C LYS A 391 7.15 26.17 -0.71
N ALA A 392 7.72 25.00 -0.44
CA ALA A 392 8.06 24.04 -1.50
C ALA A 392 6.86 23.54 -2.29
N PHE A 393 5.79 23.16 -1.59
CA PHE A 393 4.60 22.64 -2.27
C PHE A 393 3.68 23.76 -2.75
N GLY A 394 4.03 25.00 -2.45
CA GLY A 394 3.31 26.17 -2.93
C GLY A 394 1.92 26.31 -2.34
N LYS A 395 1.72 25.68 -1.19
CA LYS A 395 0.41 25.62 -0.55
C LYS A 395 0.58 24.97 0.80
N LYS A 396 -0.43 25.11 1.65
CA LYS A 396 -0.47 24.37 2.90
C LYS A 396 -1.06 23.00 2.60
N LEU A 397 -0.45 21.95 3.14
CA LEU A 397 -0.97 20.59 2.93
C LEU A 397 -0.74 19.74 4.17
N PRO A 398 -1.57 18.70 4.37
CA PRO A 398 -1.41 17.90 5.59
C PRO A 398 -0.03 17.26 5.68
N LEU A 399 0.52 17.20 6.88
CA LEU A 399 1.84 16.59 7.12
C LEU A 399 1.66 15.38 8.01
N ILE A 400 2.50 14.37 7.81
CA ILE A 400 2.48 13.18 8.64
C ILE A 400 3.75 13.08 9.49
N LEU A 401 3.57 12.62 10.73
CA LEU A 401 4.67 12.43 11.67
C LEU A 401 4.39 11.15 12.45
N TRP A 402 5.44 10.44 12.85
CA TRP A 402 5.27 9.21 13.63
C TRP A 402 4.94 9.53 15.08
N THR A 403 4.27 8.59 15.76
CA THR A 403 4.18 8.66 17.21
C THR A 403 5.58 8.66 17.78
N SER A 404 5.88 9.66 18.60
CA SER A 404 7.19 9.81 19.23
C SER A 404 7.06 10.61 20.51
N THR A 405 8.19 10.98 21.10
CA THR A 405 8.23 11.89 22.23
C THR A 405 7.58 13.22 21.85
N LEU A 406 7.86 13.67 20.63
CA LEU A 406 7.35 14.94 20.13
C LEU A 406 5.83 14.94 20.00
N THR A 407 5.25 13.78 19.71
CA THR A 407 3.82 13.68 19.44
C THR A 407 3.04 13.01 20.56
N ASN A 408 3.65 12.90 21.74
CA ASN A 408 2.95 12.45 22.94
C ASN A 408 1.72 13.32 23.14
N TYR A 409 0.56 12.68 23.34
CA TYR A 409 -0.70 13.41 23.43
C TYR A 409 -0.74 14.40 24.59
N LYS A 410 0.07 14.16 25.62
CA LYS A 410 0.15 15.03 26.77
C LYS A 410 0.59 16.46 26.42
N HIS A 411 1.39 16.61 25.36
CA HIS A 411 1.95 17.91 25.02
C HIS A 411 2.06 18.19 23.53
N ILE A 412 1.48 17.34 22.69
CA ILE A 412 1.57 17.50 21.25
C ILE A 412 1.01 18.87 20.79
N ASP A 413 0.00 19.36 21.51
CA ASP A 413 -0.64 20.63 21.17
C ASP A 413 0.24 21.89 21.40
N ASP A 414 1.42 21.70 21.95
CA ASP A 414 2.31 22.84 22.23
C ASP A 414 2.76 23.57 20.96
N TYR A 415 3.06 22.84 19.89
CA TYR A 415 3.39 23.48 18.60
C TYR A 415 2.69 22.81 17.42
N LEU A 416 2.36 21.53 17.58
CA LEU A 416 1.54 20.83 16.58
C LEU A 416 0.05 21.12 16.79
N ASN A 417 -0.73 20.95 15.72
CA ASN A 417 -2.18 20.99 15.82
C ASN A 417 -2.80 19.88 14.96
N LYS A 418 -4.03 19.50 15.24
CA LYS A 418 -4.64 18.33 14.62
C LYS A 418 -5.14 18.58 13.20
N ASP A 419 -5.14 19.83 12.77
CA ASP A 419 -5.61 20.15 11.42
C ASP A 419 -4.48 20.09 10.41
N ASP A 420 -3.26 20.23 10.89
CA ASP A 420 -2.09 20.31 10.03
C ASP A 420 -1.28 19.01 10.05
N TYR A 421 -1.45 18.22 11.12
CA TYR A 421 -0.65 17.00 11.29
C TYR A 421 -1.45 15.71 11.44
N ILE A 422 -1.13 14.73 10.60
CA ILE A 422 -1.66 13.37 10.72
C ILE A 422 -0.60 12.53 11.44
N ILE A 423 -1.03 11.64 12.31
CA ILE A 423 -0.07 10.86 13.09
C ILE A 423 -0.06 9.39 12.68
N GLN A 424 1.12 8.89 12.28
CA GLN A 424 1.29 7.49 11.95
C GLN A 424 1.69 6.73 13.21
N VAL A 425 0.96 5.65 13.48
CA VAL A 425 1.07 4.93 14.74
C VAL A 425 1.75 3.58 14.54
N TRP A 426 2.89 3.39 15.20
CA TRP A 426 3.59 2.10 15.15
C TRP A 426 3.32 1.30 16.42
N THR A 427 2.96 2.00 17.49
CA THR A 427 2.68 1.36 18.77
C THR A 427 1.52 0.37 18.68
N THR A 428 1.50 -0.57 19.61
CA THR A 428 0.47 -1.59 19.65
C THR A 428 -0.90 -0.97 19.95
N GLY A 429 -1.96 -1.58 19.43
CA GLY A 429 -3.31 -1.04 19.52
C GLY A 429 -3.89 -0.88 20.93
N VAL A 430 -3.21 -1.43 21.93
CA VAL A 430 -3.67 -1.32 23.31
C VAL A 430 -2.92 -0.22 24.07
N ASP A 431 -2.09 0.53 23.36
CA ASP A 431 -1.34 1.64 23.97
C ASP A 431 -2.23 2.84 24.26
N PRO A 432 -2.09 3.40 25.47
CA PRO A 432 -2.80 4.59 25.93
C PRO A 432 -2.67 5.77 24.96
N GLN A 433 -1.51 5.85 24.28
CA GLN A 433 -1.23 6.92 23.33
C GLN A 433 -2.28 7.07 22.23
N ILE A 434 -2.85 5.95 21.79
CA ILE A 434 -3.83 5.99 20.71
C ILE A 434 -5.13 6.65 21.18
N LYS A 435 -5.54 6.31 22.39
CA LYS A 435 -6.73 6.87 23.02
C LYS A 435 -6.51 8.35 23.36
N GLY A 436 -5.35 8.66 23.92
CA GLY A 436 -5.01 10.02 24.26
C GLY A 436 -4.96 10.93 23.04
N LEU A 437 -4.47 10.39 21.92
CA LEU A 437 -4.40 11.13 20.67
C LEU A 437 -5.79 11.31 20.06
N LEU A 438 -6.55 10.23 20.03
CA LEU A 438 -7.88 10.25 19.41
C LEU A 438 -8.80 11.27 20.09
N GLU A 439 -8.64 11.40 21.41
CA GLU A 439 -9.47 12.32 22.18
C GLU A 439 -9.12 13.79 21.93
N LYS A 440 -7.88 14.07 21.53
CA LYS A 440 -7.50 15.45 21.21
C LYS A 440 -7.74 15.80 19.74
N GLY A 441 -8.51 14.96 19.04
CA GLY A 441 -8.95 15.26 17.68
C GLY A 441 -8.00 14.88 16.57
N TYR A 442 -6.91 14.17 16.90
CA TYR A 442 -5.90 13.82 15.92
C TYR A 442 -6.30 12.66 14.99
N ARG A 443 -5.93 12.75 13.72
CA ARG A 443 -6.19 11.65 12.79
C ARG A 443 -5.03 10.67 12.80
N LEU A 444 -5.33 9.38 12.66
CA LEU A 444 -4.30 8.35 12.71
C LEU A 444 -4.21 7.52 11.42
N ILE A 445 -3.00 7.08 11.13
CA ILE A 445 -2.75 6.05 10.15
C ILE A 445 -2.16 4.90 10.94
N MET A 446 -2.84 3.75 10.95
CA MET A 446 -2.40 2.62 11.75
C MET A 446 -1.29 1.82 11.07
N SER A 447 -0.19 1.62 11.78
CA SER A 447 0.88 0.76 11.30
C SER A 447 1.49 0.00 12.48
N ASN A 448 0.63 -0.53 13.35
CA ASN A 448 1.11 -1.14 14.59
C ASN A 448 2.06 -2.30 14.39
N TYR A 449 3.21 -2.23 15.05
CA TYR A 449 4.33 -3.12 14.77
C TYR A 449 4.03 -4.61 14.99
N ASP A 450 2.99 -4.92 15.75
CA ASP A 450 2.68 -6.32 16.05
C ASP A 450 1.77 -6.97 15.01
N ALA A 451 1.28 -6.17 14.07
CA ALA A 451 0.39 -6.68 13.03
C ALA A 451 0.78 -6.20 11.64
N LEU A 452 1.54 -5.10 11.58
CA LEU A 452 1.72 -4.38 10.33
C LEU A 452 3.18 -4.09 9.95
N TYR A 453 4.14 -4.64 10.70
CA TYR A 453 5.55 -4.55 10.34
C TYR A 453 5.99 -5.78 9.56
N PHE A 454 6.10 -5.62 8.24
CA PHE A 454 6.33 -6.75 7.36
C PHE A 454 7.79 -7.21 7.31
N ASP A 455 8.64 -6.55 8.10
CA ASP A 455 10.05 -6.92 8.19
C ASP A 455 10.35 -7.88 9.35
N CYS A 456 9.41 -8.05 10.28
CA CYS A 456 9.63 -8.88 11.48
C CYS A 456 9.79 -10.37 11.18
N GLY A 457 10.63 -11.03 11.97
CA GLY A 457 10.65 -12.48 12.01
C GLY A 457 11.91 -13.15 11.48
N TYR A 458 12.80 -12.36 10.90
CA TYR A 458 13.98 -12.93 10.26
C TYR A 458 15.18 -12.94 11.18
N GLY A 459 16.33 -13.35 10.65
CA GLY A 459 17.56 -13.36 11.43
C GLY A 459 17.97 -11.96 11.85
N ALA A 460 18.90 -11.91 12.81
CA ALA A 460 19.43 -10.63 13.25
C ALA A 460 20.37 -10.06 12.17
N TRP A 461 20.34 -8.75 11.98
CA TRP A 461 21.31 -8.11 11.09
C TRP A 461 22.43 -7.42 11.87
N VAL A 462 22.24 -7.29 13.19
CA VAL A 462 23.33 -7.00 14.10
C VAL A 462 23.39 -8.10 15.17
N GLY A 463 24.51 -8.81 15.24
CA GLY A 463 24.64 -9.91 16.18
C GLY A 463 23.92 -11.15 15.65
N ALA A 464 23.48 -12.02 16.56
CA ALA A 464 22.78 -13.25 16.17
C ALA A 464 21.37 -13.29 16.74
N GLY A 465 20.65 -14.38 16.50
CA GLY A 465 19.27 -14.49 16.94
C GLY A 465 18.29 -14.07 15.84
N ASN A 466 17.21 -13.40 16.22
CA ASN A 466 16.26 -12.90 15.24
C ASN A 466 16.18 -11.37 15.32
N ASN A 467 15.42 -10.74 14.41
CA ASN A 467 15.30 -9.30 14.46
C ASN A 467 14.36 -8.83 15.58
N TRP A 468 14.40 -7.53 15.87
CA TRP A 468 13.83 -7.01 17.12
C TRP A 468 12.34 -7.30 17.30
N CYS A 469 11.57 -7.24 16.22
CA CYS A 469 10.12 -7.36 16.34
C CYS A 469 9.56 -8.73 15.95
N SER A 470 10.43 -9.75 15.94
CA SER A 470 9.99 -11.14 15.76
C SER A 470 8.93 -11.50 16.82
N PRO A 471 8.08 -12.51 16.53
CA PRO A 471 8.04 -13.41 15.36
C PRO A 471 7.46 -12.78 14.09
N TYR A 472 7.58 -13.53 13.00
CA TYR A 472 6.99 -13.18 11.70
C TYR A 472 5.47 -13.11 11.80
N ILE A 473 4.91 -12.04 11.25
CA ILE A 473 3.47 -11.80 11.31
C ILE A 473 2.77 -12.48 10.14
N GLY A 474 2.05 -13.57 10.41
CA GLY A 474 1.28 -14.23 9.37
C GLY A 474 0.13 -13.37 8.90
N TRP A 475 -0.40 -13.67 7.71
CA TRP A 475 -1.49 -12.88 7.12
C TRP A 475 -2.72 -12.89 8.03
N GLN A 476 -2.89 -13.96 8.78
CA GLN A 476 -3.99 -14.08 9.73
C GLN A 476 -3.98 -12.92 10.72
N LYS A 477 -2.81 -12.62 11.27
CA LYS A 477 -2.72 -11.57 12.30
C LYS A 477 -2.93 -10.17 11.72
N VAL A 478 -2.54 -9.97 10.47
CA VAL A 478 -2.75 -8.68 9.84
C VAL A 478 -4.22 -8.50 9.42
N TYR A 479 -4.89 -9.59 9.04
CA TYR A 479 -6.30 -9.51 8.66
C TYR A 479 -7.18 -9.14 9.86
N ASP A 480 -6.85 -9.72 11.02
CA ASP A 480 -7.69 -9.56 12.20
C ASP A 480 -7.49 -8.21 12.89
N ASN A 481 -6.38 -7.55 12.60
CA ASN A 481 -6.09 -6.25 13.18
C ASN A 481 -7.04 -5.15 12.68
N SER A 482 -7.93 -4.71 13.55
CA SER A 482 -8.98 -3.77 13.15
C SER A 482 -8.87 -2.41 13.81
N PRO A 483 -8.77 -1.36 12.98
CA PRO A 483 -8.73 0.01 13.52
C PRO A 483 -10.05 0.35 14.21
N ALA A 484 -11.17 -0.15 13.69
CA ALA A 484 -12.48 0.08 14.31
C ALA A 484 -12.53 -0.42 15.76
N VAL A 485 -11.87 -1.56 16.03
CA VAL A 485 -11.74 -2.06 17.39
C VAL A 485 -10.79 -1.18 18.20
N ILE A 486 -9.78 -0.63 17.55
CA ILE A 486 -8.79 0.22 18.22
C ILE A 486 -9.30 1.64 18.49
N ALA A 487 -9.83 2.25 17.46
CA ALA A 487 -10.47 3.55 17.48
C ALA A 487 -11.76 3.64 18.27
N LEU A 488 -12.65 2.69 18.06
CA LEU A 488 -13.95 2.77 18.67
C LEU A 488 -14.55 4.07 18.17
N GLU A 489 -15.26 4.80 19.01
CA GLU A 489 -16.08 5.91 18.59
C GLU A 489 -15.39 6.88 17.64
N HIS A 490 -14.13 7.13 17.89
CA HIS A 490 -13.36 8.09 17.13
C HIS A 490 -12.84 7.50 15.81
N ARG A 491 -13.52 6.47 15.31
CA ARG A 491 -13.02 5.73 14.15
C ARG A 491 -13.03 6.54 12.85
N ASP A 492 -13.81 7.61 12.78
CA ASP A 492 -13.77 8.44 11.58
C ASP A 492 -12.45 9.22 11.53
N GLN A 493 -11.83 9.41 12.68
CA GLN A 493 -10.52 10.05 12.77
C GLN A 493 -9.41 9.15 12.22
N VAL A 494 -9.69 7.85 12.15
CA VAL A 494 -8.73 6.92 11.54
C VAL A 494 -8.84 7.00 10.02
N LEU A 495 -7.74 7.42 9.38
CA LEU A 495 -7.72 7.55 7.93
C LEU A 495 -7.48 6.19 7.26
N GLY A 496 -6.96 5.24 8.03
CA GLY A 496 -6.68 3.91 7.53
C GLY A 496 -5.39 3.33 8.07
N GLY A 497 -4.76 2.45 7.31
CA GLY A 497 -3.55 1.80 7.75
C GLY A 497 -2.48 1.65 6.68
N GLU A 498 -1.30 1.18 7.10
CA GLU A 498 -0.17 1.05 6.20
C GLU A 498 0.71 -0.13 6.59
N ALA A 499 0.90 -1.07 5.67
CA ALA A 499 1.87 -2.13 5.88
C ALA A 499 3.25 -1.50 5.74
N ALA A 500 4.11 -1.72 6.73
CA ALA A 500 5.43 -1.11 6.72
C ALA A 500 6.52 -2.12 6.35
N LEU A 501 7.15 -1.94 5.19
CA LEU A 501 8.31 -2.76 4.84
C LEU A 501 9.63 -2.03 5.03
N TRP A 502 10.20 -2.14 6.22
CA TRP A 502 11.53 -1.60 6.50
C TRP A 502 12.55 -2.49 5.79
N SER A 503 13.65 -1.89 5.35
CA SER A 503 14.50 -2.61 4.40
C SER A 503 15.92 -2.90 4.83
N GLU A 504 16.14 -2.99 6.14
CA GLU A 504 17.43 -3.44 6.65
C GLU A 504 17.71 -4.84 6.11
N GLN A 505 16.65 -5.63 5.90
CA GLN A 505 16.77 -7.00 5.43
C GLN A 505 15.84 -7.30 4.26
N SER A 506 15.58 -6.29 3.46
CA SER A 506 14.74 -6.47 2.30
C SER A 506 15.20 -5.53 1.19
N ASP A 507 15.14 -6.02 -0.04
CA ASP A 507 15.51 -5.21 -1.20
C ASP A 507 14.75 -5.73 -2.42
N THR A 508 15.23 -5.35 -3.61
CA THR A 508 14.61 -5.78 -4.86
C THR A 508 14.24 -7.28 -4.89
N SER A 509 15.09 -8.12 -4.34
CA SER A 509 14.93 -9.57 -4.50
C SER A 509 13.88 -10.19 -3.57
N THR A 510 13.58 -9.50 -2.48
CA THR A 510 12.74 -10.06 -1.42
C THR A 510 11.42 -9.30 -1.32
N LEU A 511 11.34 -8.26 -2.12
CA LEU A 511 10.19 -7.37 -2.17
C LEU A 511 8.83 -8.08 -2.33
N ASP A 512 8.69 -8.89 -3.38
CA ASP A 512 7.43 -9.60 -3.65
C ASP A 512 6.95 -10.45 -2.47
N GLY A 513 7.82 -11.31 -1.95
CA GLY A 513 7.48 -12.15 -0.81
C GLY A 513 7.14 -11.39 0.46
N ARG A 514 7.79 -10.25 0.69
CA ARG A 514 7.52 -9.46 1.89
C ARG A 514 6.10 -8.89 1.89
N LEU A 515 5.69 -8.36 0.75
CA LEU A 515 4.41 -7.67 0.64
C LEU A 515 3.23 -8.59 0.37
N TRP A 516 3.45 -9.63 -0.43
CA TRP A 516 2.31 -10.43 -0.91
C TRP A 516 2.36 -11.90 -0.46
N PRO A 517 1.19 -12.43 -0.07
CA PRO A 517 -0.10 -11.74 -0.15
C PRO A 517 -0.52 -11.04 1.15
N ARG A 518 0.38 -10.89 2.11
CA ARG A 518 0.03 -10.27 3.38
C ARG A 518 -0.65 -8.90 3.24
N ALA A 519 -0.14 -8.07 2.33
CA ALA A 519 -0.72 -6.74 2.14
C ALA A 519 -2.17 -6.82 1.64
N ALA A 520 -2.52 -7.92 0.98
CA ALA A 520 -3.89 -8.11 0.54
C ALA A 520 -4.84 -8.24 1.75
N ALA A 521 -4.35 -8.84 2.83
CA ALA A 521 -5.13 -8.93 4.06
C ALA A 521 -5.46 -7.53 4.58
N LEU A 522 -4.45 -6.67 4.60
CA LEU A 522 -4.67 -5.27 4.97
C LEU A 522 -5.63 -4.61 3.99
N ALA A 523 -5.49 -4.93 2.71
CA ALA A 523 -6.38 -4.40 1.68
C ALA A 523 -7.87 -4.65 1.99
N GLU A 524 -8.21 -5.88 2.36
CA GLU A 524 -9.60 -6.22 2.69
C GLU A 524 -10.05 -5.58 3.99
N ARG A 525 -9.20 -5.60 5.01
CA ARG A 525 -9.51 -5.00 6.31
C ARG A 525 -9.86 -3.52 6.15
N LEU A 526 -9.07 -2.81 5.36
CA LEU A 526 -9.27 -1.38 5.20
C LEU A 526 -10.37 -1.03 4.18
N TRP A 527 -10.60 -1.92 3.22
CA TRP A 527 -11.66 -1.67 2.24
C TRP A 527 -13.05 -2.00 2.79
N ALA A 528 -13.13 -3.09 3.53
CA ALA A 528 -14.38 -3.58 4.00
C ALA A 528 -14.62 -3.62 5.48
N GLU A 529 -13.59 -3.60 6.29
CA GLU A 529 -13.74 -3.71 7.74
C GLU A 529 -14.59 -4.82 8.27
N PRO A 530 -14.39 -6.05 7.86
CA PRO A 530 -15.35 -7.10 8.13
C PRO A 530 -15.59 -7.39 9.59
N ALA A 531 -16.79 -7.76 10.00
CA ALA A 531 -17.01 -8.18 11.38
C ALA A 531 -16.57 -9.64 11.52
N THR A 532 -16.47 -10.32 10.38
CA THR A 532 -15.94 -11.67 10.29
C THR A 532 -14.41 -11.65 10.35
N SER A 533 -13.83 -12.74 10.85
CA SER A 533 -12.37 -12.82 10.98
C SER A 533 -11.70 -13.57 9.82
N TRP A 534 -10.41 -13.87 10.00
CA TRP A 534 -9.60 -14.44 8.92
C TRP A 534 -10.07 -15.81 8.42
N GLN A 535 -10.68 -16.60 9.29
CA GLN A 535 -11.13 -17.94 8.90
C GLN A 535 -12.16 -17.86 7.77
N ASP A 536 -12.95 -16.79 7.75
CA ASP A 536 -14.01 -16.64 6.76
C ASP A 536 -13.47 -16.08 5.44
N ALA A 537 -12.20 -15.71 5.43
CA ALA A 537 -11.58 -15.13 4.24
C ALA A 537 -10.53 -16.09 3.66
N GLU A 538 -10.22 -17.14 4.42
CA GLU A 538 -9.15 -18.10 4.09
C GLU A 538 -9.16 -18.58 2.63
N TYR A 539 -10.27 -19.15 2.19
CA TYR A 539 -10.35 -19.71 0.84
C TYR A 539 -10.10 -18.64 -0.22
N ARG A 540 -10.63 -17.43 0.01
CA ARG A 540 -10.44 -16.34 -0.93
C ARG A 540 -9.01 -15.80 -0.91
N MET A 541 -8.38 -15.81 0.26
CA MET A 541 -6.99 -15.40 0.38
C MET A 541 -6.06 -16.35 -0.39
N LEU A 542 -6.35 -17.65 -0.33
CA LEU A 542 -5.59 -18.64 -1.11
C LEU A 542 -5.69 -18.36 -2.61
N HIS A 543 -6.87 -17.97 -3.07
CA HIS A 543 -7.05 -17.67 -4.48
C HIS A 543 -6.33 -16.38 -4.90
N ILE A 544 -6.40 -15.35 -4.07
CA ILE A 544 -5.74 -14.08 -4.40
C ILE A 544 -4.22 -14.26 -4.46
N ARG A 545 -3.68 -15.19 -3.68
CA ARG A 545 -2.27 -15.53 -3.76
C ARG A 545 -1.95 -16.06 -5.16
N GLU A 546 -2.72 -17.05 -5.61
CA GLU A 546 -2.56 -17.58 -6.96
C GLU A 546 -2.68 -16.50 -8.05
N ARG A 547 -3.61 -15.57 -7.88
CA ARG A 547 -3.75 -14.49 -8.85
C ARG A 547 -2.48 -13.63 -8.94
N PHE A 548 -1.92 -13.27 -7.78
CA PHE A 548 -0.65 -12.55 -7.71
C PHE A 548 0.46 -13.26 -8.48
N VAL A 549 0.60 -14.57 -8.23
CA VAL A 549 1.63 -15.37 -8.88
C VAL A 549 1.43 -15.35 -10.39
N ARG A 550 0.16 -15.45 -10.81
CA ARG A 550 -0.15 -15.35 -12.23
C ARG A 550 0.25 -13.98 -12.82
N MET A 551 0.12 -12.92 -12.02
CA MET A 551 0.55 -11.58 -12.44
C MET A 551 2.06 -11.47 -12.57
N GLY A 552 2.80 -12.48 -12.11
CA GLY A 552 4.24 -12.42 -12.13
C GLY A 552 4.84 -11.99 -10.79
N ILE A 553 3.97 -11.74 -9.80
CA ILE A 553 4.42 -11.48 -8.44
C ILE A 553 4.91 -12.76 -7.76
N GLN A 554 6.12 -12.73 -7.22
CA GLN A 554 6.70 -13.88 -6.52
C GLN A 554 6.20 -13.94 -5.09
N ALA A 555 4.88 -14.08 -4.93
CA ALA A 555 4.23 -14.02 -3.63
C ALA A 555 4.59 -15.19 -2.72
N GLU A 556 4.53 -14.95 -1.40
CA GLU A 556 4.76 -16.01 -0.43
C GLU A 556 3.74 -17.13 -0.57
N SER A 557 4.15 -18.35 -0.25
CA SER A 557 3.23 -19.47 -0.21
C SER A 557 2.61 -19.57 1.18
N LEU A 558 1.29 -19.68 1.24
CA LEU A 558 0.58 -19.76 2.51
C LEU A 558 0.32 -21.20 2.98
N GLN A 559 -0.11 -22.06 2.07
CA GLN A 559 -0.54 -23.42 2.38
C GLN A 559 -0.21 -24.33 1.20
N PRO A 560 -0.20 -25.66 1.42
CA PRO A 560 -0.03 -26.55 0.26
C PRO A 560 -1.16 -26.34 -0.72
N GLU A 561 -0.86 -26.38 -2.01
CA GLU A 561 -1.89 -26.26 -3.05
C GLU A 561 -3.02 -27.27 -2.81
N TRP A 562 -2.69 -28.40 -2.17
CA TRP A 562 -3.67 -29.43 -1.88
C TRP A 562 -4.83 -28.88 -1.04
N CYS A 563 -4.52 -28.02 -0.08
CA CYS A 563 -5.56 -27.42 0.76
C CYS A 563 -6.51 -26.54 -0.08
N TYR A 564 -5.96 -25.94 -1.12
CA TYR A 564 -6.71 -25.05 -1.98
C TYR A 564 -7.69 -25.83 -2.87
N GLN A 565 -7.30 -27.06 -3.23
CA GLN A 565 -8.11 -27.94 -4.05
C GLN A 565 -9.02 -28.82 -3.19
N ASN A 566 -8.78 -28.82 -1.89
CA ASN A 566 -9.55 -29.67 -0.97
C ASN A 566 -10.00 -28.89 0.28
N GLU A 567 -10.92 -27.95 0.09
CA GLU A 567 -11.35 -27.06 1.16
C GLU A 567 -11.97 -27.83 2.32
N GLY A 568 -11.61 -27.44 3.55
CA GLY A 568 -12.14 -28.09 4.74
C GLY A 568 -11.22 -29.12 5.36
N TYR A 569 -10.32 -29.71 4.58
CA TYR A 569 -9.45 -30.75 5.11
C TYR A 569 -8.21 -30.25 5.86
N CYS A 570 -7.80 -29.01 5.60
CA CYS A 570 -6.69 -28.40 6.34
C CYS A 570 -7.25 -27.38 7.34
N TYR A 571 -7.21 -27.71 8.63
CA TYR A 571 -7.78 -26.87 9.68
C TYR A 571 -7.12 -27.11 11.04
N SER A 572 -7.30 -26.17 11.96
CA SER A 572 -6.81 -26.31 13.33
C SER A 572 -7.44 -25.29 14.26
OAN NF1 B . 14.10 -2.32 20.32
CAM NF1 B . 14.84 -2.29 19.14
CAE NF1 B . 15.94 -3.28 18.94
CAD NF1 B . 16.67 -3.22 17.70
CAF NF1 B . 16.27 -4.30 19.92
CAA NF1 B . 17.32 -5.22 19.66
CAB NF1 B . 18.05 -5.16 18.45
CAC NF1 B . 17.71 -4.13 17.45
CAG NF1 B . 18.46 -4.05 16.19
CAH NF1 B . 18.12 -3.05 15.23
CAI NF1 B . 17.06 -2.12 15.49
CAJ NF1 B . 16.33 -2.20 16.74
CAK NF1 B . 15.22 -1.24 17.01
OAO NF1 B . 14.87 -0.24 16.06
NAL NF1 B . 14.53 -1.34 18.21
CAP NF1 B . 13.43 -0.37 18.50
CAQ NF1 B . 12.25 -0.25 17.57
NAR NF1 B . 11.96 1.12 17.07
CAS NF1 B . 10.56 1.35 16.96
CAT NF1 B . 10.12 2.01 15.72
SAX NF1 B . 9.60 3.63 15.52
NAU NF1 B . 10.06 1.45 14.47
NAV NF1 B . 9.64 2.27 13.46
CAW NF1 B . 9.32 3.53 13.79
CAY NF1 B . 8.82 4.61 12.86
C1 NAG C . -26.44 -2.16 -19.74
C2 NAG C . -27.40 -1.32 -20.60
C3 NAG C . -27.91 -0.08 -19.85
C4 NAG C . -28.41 -0.47 -18.47
C5 NAG C . -27.25 -1.13 -17.72
C6 NAG C . -27.59 -1.45 -16.27
C7 NAG C . -27.08 -1.43 -23.02
C8 NAG C . -26.70 -0.64 -24.24
N2 NAG C . -26.75 -0.91 -21.84
O3 NAG C . -28.94 0.53 -20.59
O4 NAG C . -28.90 0.67 -17.79
O5 NAG C . -26.88 -2.31 -18.40
O6 NAG C . -28.61 -2.41 -16.21
O7 NAG C . -27.66 -2.51 -23.14
C1 NAG D . 24.10 17.14 28.30
C2 NAG D . 23.27 16.42 29.36
C3 NAG D . 23.38 17.13 30.70
C4 NAG D . 24.84 17.36 31.08
C5 NAG D . 25.65 17.96 29.92
C6 NAG D . 27.13 17.94 30.25
C7 NAG D . 21.26 15.13 28.80
C8 NAG D . 19.79 15.16 28.47
N2 NAG D . 21.88 16.30 28.93
O3 NAG D . 22.76 16.36 31.70
O4 NAG D . 24.91 18.22 32.21
O5 NAG D . 25.44 17.23 28.72
O6 NAG D . 27.86 18.13 29.06
O7 NAG D . 21.83 14.05 28.94
#